data_4H7P
#
_entry.id   4H7P
#
_cell.length_a   64.580
_cell.length_b   65.660
_cell.length_c   77.650
_cell.angle_alpha   90.000
_cell.angle_beta   110.110
_cell.angle_gamma   90.000
#
_symmetry.space_group_name_H-M   'P 1 21 1'
#
loop_
_entity.id
_entity.type
_entity.pdbx_description
1 polymer 'Malate dehydrogenase'
2 non-polymer 'SULFATE ION'
3 water water
#
_entity_poly.entity_id   1
_entity_poly.type   'polypeptide(L)'
_entity_poly.pdbx_seq_one_letter_code
;MAHHHHHHMGTLEAQTQGPGSMSAVKVAVTGAAGQIGYALVPLIARGALLGPTTPVELRLLDIEPALKALAGVEAELEDC
AFPLLDKVVVTADPRVAFDGVAIAIMCGAFPRKAGMERKDLLEMNARIFKEQGEAIAAVAASDCRVVVVGNPANTNALIL
LKSAQGKLNPRHVTAMTRLDHNRALSLLARKAGVPVSQVRNVIIWGNHSSTQVPDTDSAVIGTTPAREAIKDDALDDDFV
QVVRGRGAEIIQLRGLSSAMSAAKAAVDHVHDWIHGTPEGVYVSMGVYSDENPYGVPSGLIFSFPCTCHAGEWTVVSGKL
NGDLGKQRLASTIAELQEERAQAGL
;
_entity_poly.pdbx_strand_id   A,B
#
# COMPACT_ATOMS: atom_id res chain seq x y z
N MET A 22 -20.68 12.30 -12.30
CA MET A 22 -19.22 11.96 -12.26
C MET A 22 -18.42 12.89 -11.34
N SER A 23 -19.04 13.40 -10.28
CA SER A 23 -18.30 14.14 -9.26
C SER A 23 -17.50 13.14 -8.44
N ALA A 24 -16.36 13.58 -7.92
CA ALA A 24 -15.54 12.69 -7.10
C ALA A 24 -16.29 12.32 -5.82
N VAL A 25 -16.21 11.05 -5.51
CA VAL A 25 -16.79 10.52 -4.27
C VAL A 25 -15.90 10.95 -3.10
N LYS A 26 -16.47 11.56 -2.08
CA LYS A 26 -15.70 12.02 -0.93
C LYS A 26 -15.56 10.93 0.11
N VAL A 27 -14.33 10.63 0.45
CA VAL A 27 -13.96 9.54 1.36
C VAL A 27 -13.14 10.12 2.48
N ALA A 28 -13.60 9.94 3.70
CA ALA A 28 -12.83 10.34 4.87
C ALA A 28 -12.06 9.19 5.45
N VAL A 29 -10.82 9.44 5.89
CA VAL A 29 -10.00 8.52 6.61
C VAL A 29 -9.54 9.18 7.89
N THR A 30 -9.91 8.65 9.04
CA THR A 30 -9.43 9.16 10.30
C THR A 30 -8.16 8.43 10.71
N GLY A 31 -7.43 8.90 11.67
CA GLY A 31 -6.14 8.35 11.97
C GLY A 31 -5.20 8.44 10.80
N ALA A 32 -5.36 9.44 9.95
CA ALA A 32 -4.67 9.47 8.68
C ALA A 32 -3.19 9.75 8.74
N ALA A 33 -2.65 10.13 9.87
CA ALA A 33 -1.18 10.28 10.06
C ALA A 33 -0.58 9.02 10.63
N GLY A 34 -1.35 7.99 10.86
CA GLY A 34 -0.85 6.73 11.40
C GLY A 34 -0.44 5.74 10.32
N GLN A 35 0.03 4.58 10.75
CA GLN A 35 0.61 3.62 9.84
C GLN A 35 -0.44 2.92 8.97
N ILE A 36 -1.61 2.59 9.54
CA ILE A 36 -2.66 2.05 8.72
C ILE A 36 -3.05 3.07 7.67
N GLY A 37 -3.24 4.32 8.09
CA GLY A 37 -3.60 5.37 7.13
C GLY A 37 -2.59 5.49 6.02
N TYR A 38 -1.31 5.40 6.32
CA TYR A 38 -0.23 5.52 5.32
C TYR A 38 -0.32 4.42 4.30
N ALA A 39 -0.67 3.22 4.74
CA ALA A 39 -0.83 2.05 3.85
C ALA A 39 -2.11 2.08 3.09
N LEU A 40 -3.15 2.76 3.63
CA LEU A 40 -4.49 2.78 3.09
C LEU A 40 -4.70 3.84 2.01
N VAL A 41 -4.25 5.07 2.26
CA VAL A 41 -4.52 6.16 1.31
C VAL A 41 -4.05 5.90 -0.11
N PRO A 42 -2.89 5.28 -0.39
CA PRO A 42 -2.57 5.04 -1.77
C PRO A 42 -3.46 4.02 -2.40
N LEU A 43 -4.02 3.07 -1.63
CA LEU A 43 -4.93 2.10 -2.20
C LEU A 43 -6.23 2.79 -2.63
N ILE A 44 -6.72 3.71 -1.79
CA ILE A 44 -7.91 4.42 -2.16
C ILE A 44 -7.68 5.27 -3.40
N ALA A 45 -6.55 5.96 -3.43
CA ALA A 45 -6.25 6.88 -4.53
C ALA A 45 -6.00 6.16 -5.83
N ARG A 46 -5.54 4.92 -5.79
CA ARG A 46 -5.30 4.22 -7.02
CA ARG A 46 -5.31 4.10 -6.94
C ARG A 46 -6.59 3.58 -7.56
N GLY A 47 -7.69 3.57 -6.80
CA GLY A 47 -8.96 3.03 -7.29
C GLY A 47 -9.36 1.73 -6.67
N ALA A 48 -8.65 1.26 -5.66
CA ALA A 48 -8.98 -0.02 -5.05
C ALA A 48 -10.25 -0.03 -4.27
N LEU A 49 -10.74 1.13 -3.84
CA LEU A 49 -11.90 1.24 -2.99
C LEU A 49 -13.17 1.34 -3.80
N LEU A 50 -13.25 2.36 -4.64
CA LEU A 50 -14.44 2.63 -5.39
C LEU A 50 -14.36 2.25 -6.82
N GLY A 51 -13.25 1.70 -7.31
CA GLY A 51 -13.09 1.19 -8.61
C GLY A 51 -12.16 2.00 -9.49
N PRO A 52 -11.61 1.42 -10.51
CA PRO A 52 -10.59 2.03 -11.32
C PRO A 52 -11.09 3.17 -12.24
N THR A 53 -12.38 3.38 -12.30
CA THR A 53 -12.97 4.45 -13.10
C THR A 53 -13.52 5.58 -12.28
N THR A 54 -13.46 5.46 -10.95
CA THR A 54 -14.19 6.32 -10.09
C THR A 54 -13.29 7.39 -9.47
N PRO A 55 -13.50 8.66 -9.79
CA PRO A 55 -12.68 9.69 -9.13
CA PRO A 55 -12.71 9.73 -9.14
C PRO A 55 -13.03 9.78 -7.65
N VAL A 56 -12.04 10.10 -6.83
CA VAL A 56 -12.17 10.20 -5.40
C VAL A 56 -11.58 11.51 -4.88
N GLU A 57 -12.12 11.95 -3.76
CA GLU A 57 -11.56 13.02 -2.97
C GLU A 57 -11.27 12.48 -1.59
N LEU A 58 -10.06 12.63 -1.10
CA LEU A 58 -9.69 12.18 0.21
C LEU A 58 -9.75 13.29 1.22
N ARG A 59 -10.41 13.04 2.33
CA ARG A 59 -10.47 13.94 3.45
C ARG A 59 -9.81 13.29 4.61
N LEU A 60 -8.66 13.76 5.03
CA LEU A 60 -7.80 13.13 5.98
C LEU A 60 -7.85 13.82 7.33
N LEU A 61 -8.20 13.09 8.35
CA LEU A 61 -8.35 13.58 9.72
C LEU A 61 -7.35 12.98 10.65
N ASP A 62 -6.70 13.76 11.49
CA ASP A 62 -6.00 13.26 12.64
C ASP A 62 -5.99 14.35 13.69
N ILE A 63 -5.24 14.19 14.76
CA ILE A 63 -5.27 15.16 15.87
C ILE A 63 -4.46 16.39 15.46
N GLU A 64 -4.70 17.48 16.15
CA GLU A 64 -4.10 18.74 15.83
C GLU A 64 -2.57 18.71 15.84
N PRO A 65 -1.89 17.99 16.75
CA PRO A 65 -0.43 17.89 16.66
C PRO A 65 0.09 17.18 15.47
N ALA A 66 -0.74 16.47 14.75
CA ALA A 66 -0.38 15.70 13.56
C ALA A 66 -0.57 16.49 12.27
N LEU A 67 -0.87 17.76 12.33
CA LEU A 67 -1.12 18.53 11.08
C LEU A 67 0.07 18.57 10.13
N LYS A 68 1.27 18.70 10.64
CA LYS A 68 2.43 18.77 9.77
C LYS A 68 2.61 17.37 9.14
N ALA A 69 2.46 16.31 9.90
CA ALA A 69 2.57 14.96 9.37
C ALA A 69 1.53 14.77 8.27
N LEU A 70 0.32 15.24 8.47
CA LEU A 70 -0.72 15.15 7.44
C LEU A 70 -0.35 15.90 6.19
N ALA A 71 0.23 17.07 6.31
CA ALA A 71 0.72 17.76 5.13
C ALA A 71 1.75 16.92 4.39
N GLY A 72 2.57 16.19 5.13
CA GLY A 72 3.50 15.24 4.49
C GLY A 72 2.86 14.11 3.74
N VAL A 73 1.81 13.54 4.30
CA VAL A 73 1.01 12.53 3.60
C VAL A 73 0.38 13.10 2.34
N GLU A 74 -0.17 14.30 2.45
CA GLU A 74 -0.76 14.95 1.31
C GLU A 74 0.27 15.18 0.22
N ALA A 75 1.45 15.67 0.57
CA ALA A 75 2.51 15.88 -0.39
C ALA A 75 2.92 14.60 -1.09
N GLU A 76 3.05 13.51 -0.36
CA GLU A 76 3.34 12.23 -1.00
C GLU A 76 2.25 11.78 -1.90
N LEU A 77 0.97 11.94 -1.51
CA LEU A 77 -0.11 11.60 -2.39
C LEU A 77 -0.02 12.39 -3.68
N GLU A 78 0.24 13.68 -3.62
CA GLU A 78 0.41 14.49 -4.82
C GLU A 78 1.51 13.92 -5.71
N ASP A 79 2.59 13.52 -5.09
CA ASP A 79 3.75 13.02 -5.81
C ASP A 79 3.58 11.66 -6.46
N CYS A 80 2.48 11.01 -6.16
CA CYS A 80 2.08 9.80 -6.87
C CYS A 80 1.44 10.06 -8.21
N ALA A 81 0.98 11.28 -8.47
CA ALA A 81 0.33 11.62 -9.72
C ALA A 81 -0.79 10.65 -10.05
N PHE A 82 -1.65 10.40 -9.08
CA PHE A 82 -2.78 9.47 -9.23
C PHE A 82 -3.87 10.10 -10.09
N PRO A 83 -4.23 9.51 -11.23
CA PRO A 83 -5.24 10.14 -12.08
C PRO A 83 -6.63 10.23 -11.47
N LEU A 84 -6.99 9.37 -10.53
CA LEU A 84 -8.33 9.37 -9.95
C LEU A 84 -8.45 10.31 -8.78
N LEU A 85 -7.35 10.80 -8.22
CA LEU A 85 -7.41 11.55 -6.98
C LEU A 85 -7.65 13.02 -7.28
N ASP A 86 -8.88 13.46 -7.14
CA ASP A 86 -9.24 14.80 -7.56
C ASP A 86 -8.78 15.85 -6.59
N LYS A 87 -8.76 15.54 -5.30
CA LYS A 87 -8.52 16.52 -4.26
C LYS A 87 -8.15 15.80 -2.98
N VAL A 88 -7.30 16.42 -2.17
CA VAL A 88 -6.97 15.99 -0.82
C VAL A 88 -7.14 17.17 0.11
N VAL A 89 -7.83 16.95 1.21
CA VAL A 89 -7.99 17.93 2.28
C VAL A 89 -7.49 17.34 3.55
N VAL A 90 -6.67 17.99 4.33
CA VAL A 90 -6.18 17.52 5.61
C VAL A 90 -6.72 18.46 6.71
N THR A 91 -7.02 17.88 7.84
CA THR A 91 -7.70 18.63 8.90
C THR A 91 -7.59 17.92 10.23
N ALA A 92 -7.78 18.67 11.30
CA ALA A 92 -7.99 18.17 12.64
C ALA A 92 -9.43 18.35 13.11
N ASP A 93 -10.30 18.86 12.24
CA ASP A 93 -11.67 19.17 12.64
C ASP A 93 -12.58 18.13 11.96
N PRO A 94 -13.27 17.29 12.75
CA PRO A 94 -14.15 16.29 12.12
C PRO A 94 -15.27 16.92 11.30
N ARG A 95 -15.69 18.13 11.64
CA ARG A 95 -16.75 18.80 10.86
C ARG A 95 -16.28 19.15 9.47
N VAL A 96 -14.98 19.38 9.29
CA VAL A 96 -14.38 19.56 7.96
C VAL A 96 -14.14 18.19 7.31
N ALA A 97 -13.59 17.26 8.02
CA ALA A 97 -13.24 15.98 7.41
C ALA A 97 -14.44 15.31 6.83
N PHE A 98 -15.55 15.29 7.57
CA PHE A 98 -16.74 14.53 7.17
C PHE A 98 -17.67 15.24 6.24
N ASP A 99 -17.39 16.49 5.91
CA ASP A 99 -18.33 17.31 5.15
C ASP A 99 -18.64 16.68 3.78
N GLY A 100 -19.85 16.22 3.63
CA GLY A 100 -20.36 15.66 2.37
C GLY A 100 -19.85 14.25 2.09
N VAL A 101 -19.18 13.57 3.02
CA VAL A 101 -18.57 12.29 2.69
C VAL A 101 -19.61 11.20 2.57
N ALA A 102 -19.31 10.29 1.67
CA ALA A 102 -20.08 9.07 1.45
C ALA A 102 -19.52 7.84 2.14
N ILE A 103 -18.23 7.83 2.41
CA ILE A 103 -17.52 6.68 3.00
CA ILE A 103 -17.57 6.69 3.03
C ILE A 103 -16.64 7.27 4.09
N ALA A 104 -16.65 6.69 5.27
CA ALA A 104 -15.75 7.08 6.35
C ALA A 104 -15.07 5.84 6.93
N ILE A 105 -13.75 5.80 6.89
CA ILE A 105 -12.93 4.68 7.38
C ILE A 105 -12.25 5.18 8.63
N MET A 106 -12.65 4.68 9.78
CA MET A 106 -12.29 5.24 11.09
CA MET A 106 -12.25 5.25 11.04
C MET A 106 -11.11 4.45 11.66
N CYS A 107 -9.89 4.88 11.32
CA CYS A 107 -8.67 4.27 11.83
C CYS A 107 -8.24 4.94 13.12
N GLY A 108 -8.59 6.18 13.37
CA GLY A 108 -8.10 6.92 14.53
C GLY A 108 -8.72 6.35 15.78
N ALA A 109 -7.91 6.17 16.81
CA ALA A 109 -8.39 5.72 18.11
C ALA A 109 -7.30 5.96 19.09
N PHE A 110 -7.70 5.92 20.35
CA PHE A 110 -6.76 6.03 21.47
C PHE A 110 -6.01 4.68 21.53
N PRO A 111 -4.65 4.68 21.44
CA PRO A 111 -3.92 3.39 21.48
C PRO A 111 -3.78 2.83 22.89
N ARG A 112 -3.82 1.52 22.98
CA ARG A 112 -3.62 0.85 24.27
C ARG A 112 -2.20 1.09 24.79
N LYS A 113 -2.09 1.68 25.98
CA LYS A 113 -0.80 1.89 26.66
C LYS A 113 -0.63 0.82 27.74
N ALA A 114 0.63 0.54 28.09
CA ALA A 114 0.93 -0.35 29.22
C ALA A 114 0.15 0.07 30.41
N GLY A 115 -0.43 -0.91 31.08
CA GLY A 115 -1.18 -0.68 32.28
C GLY A 115 -2.69 -0.53 32.12
N MET A 116 -3.15 -0.46 30.87
CA MET A 116 -4.59 -0.32 30.60
C MET A 116 -5.29 -1.67 30.57
N GLU A 117 -6.43 -1.79 31.26
CA GLU A 117 -7.34 -2.92 30.97
C GLU A 117 -8.18 -2.55 29.76
N ARG A 118 -8.92 -3.52 29.23
CA ARG A 118 -9.82 -3.25 28.11
C ARG A 118 -10.77 -2.12 28.44
N LYS A 119 -11.28 -2.07 29.66
CA LYS A 119 -12.22 -1.03 30.07
C LYS A 119 -11.60 0.36 29.98
N ASP A 120 -10.32 0.45 30.31
CA ASP A 120 -9.65 1.74 30.23
C ASP A 120 -9.58 2.21 28.78
N LEU A 121 -9.27 1.27 27.90
CA LEU A 121 -9.16 1.60 26.48
C LEU A 121 -10.53 2.06 25.92
N LEU A 122 -11.57 1.38 26.36
CA LEU A 122 -12.96 1.73 25.92
C LEU A 122 -13.31 3.12 26.40
N GLU A 123 -12.98 3.44 27.65
CA GLU A 123 -13.31 4.75 28.17
C GLU A 123 -12.56 5.87 27.50
N MET A 124 -11.27 5.69 27.19
CA MET A 124 -10.49 6.68 26.41
C MET A 124 -11.12 6.91 25.01
N ASN A 125 -11.65 5.85 24.43
CA ASN A 125 -12.19 5.92 23.05
C ASN A 125 -13.58 6.43 22.95
N ALA A 126 -14.36 6.34 24.02
CA ALA A 126 -15.74 6.79 23.96
C ALA A 126 -15.82 8.25 23.57
N ARG A 127 -15.00 9.12 24.13
CA ARG A 127 -15.06 10.53 23.75
C ARG A 127 -14.77 10.79 22.26
N ILE A 128 -13.79 10.08 21.72
CA ILE A 128 -13.43 10.23 20.35
C ILE A 128 -14.64 9.91 19.44
N PHE A 129 -15.25 8.76 19.69
CA PHE A 129 -16.27 8.25 18.78
C PHE A 129 -17.60 8.97 18.98
N LYS A 130 -17.84 9.57 20.13
CA LYS A 130 -19.02 10.39 20.31
C LYS A 130 -18.89 11.66 19.49
N GLU A 131 -17.71 12.28 19.55
CA GLU A 131 -17.51 13.49 18.78
C GLU A 131 -17.60 13.20 17.27
N GLN A 132 -17.00 12.10 16.86
CA GLN A 132 -16.99 11.77 15.43
C GLN A 132 -18.38 11.39 14.94
N GLY A 133 -19.13 10.66 15.74
CA GLY A 133 -20.49 10.31 15.32
C GLY A 133 -21.38 11.50 15.22
N GLU A 134 -21.24 12.44 16.15
CA GLU A 134 -21.98 13.69 16.06
C GLU A 134 -21.63 14.46 14.80
N ALA A 135 -20.34 14.53 14.47
CA ALA A 135 -19.91 15.23 13.29
C ALA A 135 -20.39 14.58 12.02
N ILE A 136 -20.32 13.26 11.92
CA ILE A 136 -20.81 12.57 10.77
C ILE A 136 -22.29 12.87 10.58
N ALA A 137 -23.08 12.75 11.65
CA ALA A 137 -24.51 13.04 11.53
C ALA A 137 -24.74 14.50 11.12
N ALA A 138 -23.93 15.42 11.60
CA ALA A 138 -24.12 16.86 11.30
C ALA A 138 -23.82 17.17 9.83
N VAL A 139 -22.76 16.59 9.25
CA VAL A 139 -22.24 17.11 7.99
C VAL A 139 -22.04 16.08 6.86
N ALA A 140 -22.03 14.79 7.16
CA ALA A 140 -21.78 13.80 6.10
C ALA A 140 -23.00 13.66 5.18
N ALA A 141 -22.81 13.03 4.03
CA ALA A 141 -23.97 12.74 3.16
C ALA A 141 -24.92 11.83 3.89
N SER A 142 -26.21 11.93 3.51
CA SER A 142 -27.28 11.13 4.15
C SER A 142 -27.05 9.62 4.15
N ASP A 143 -26.47 9.16 3.08
CA ASP A 143 -26.23 7.74 2.91
C ASP A 143 -24.81 7.29 3.29
N CYS A 144 -24.11 8.06 4.13
CA CYS A 144 -22.73 7.76 4.43
C CYS A 144 -22.63 6.36 5.06
N ARG A 145 -21.65 5.61 4.58
CA ARG A 145 -21.31 4.31 5.09
C ARG A 145 -20.02 4.40 5.89
N VAL A 146 -20.00 3.87 7.08
CA VAL A 146 -18.92 3.99 8.05
C VAL A 146 -18.39 2.61 8.39
N VAL A 147 -17.07 2.46 8.41
CA VAL A 147 -16.44 1.28 8.99
C VAL A 147 -15.44 1.69 10.03
N VAL A 148 -15.53 1.16 11.23
CA VAL A 148 -14.56 1.42 12.29
C VAL A 148 -13.53 0.34 12.29
N VAL A 149 -12.27 0.78 12.16
CA VAL A 149 -11.07 -0.06 12.21
C VAL A 149 -10.39 0.05 13.56
N GLY A 150 -10.23 1.24 14.11
CA GLY A 150 -9.53 1.43 15.36
C GLY A 150 -10.26 0.74 16.51
N ASN A 151 -9.48 0.20 17.45
CA ASN A 151 -10.04 -0.57 18.59
C ASN A 151 -10.44 0.20 19.83
N PRO A 152 -11.40 -0.33 20.63
CA PRO A 152 -12.19 -1.57 20.43
C PRO A 152 -13.27 -1.37 19.33
N ALA A 153 -13.12 -2.05 18.21
CA ALA A 153 -13.81 -1.61 17.00
C ALA A 153 -15.31 -1.73 17.13
N ASN A 154 -15.82 -2.84 17.64
CA ASN A 154 -17.26 -3.03 17.71
C ASN A 154 -17.93 -1.99 18.58
N THR A 155 -17.38 -1.75 19.76
CA THR A 155 -17.94 -0.80 20.69
C THR A 155 -17.76 0.63 20.23
N ASN A 156 -16.61 0.92 19.62
CA ASN A 156 -16.44 2.23 19.06
C ASN A 156 -17.52 2.52 18.00
N ALA A 157 -17.80 1.53 17.14
CA ALA A 157 -18.85 1.68 16.15
C ALA A 157 -20.23 1.89 16.80
N LEU A 158 -20.50 1.16 17.89
CA LEU A 158 -21.76 1.36 18.59
C LEU A 158 -21.87 2.75 19.16
N ILE A 159 -20.79 3.21 19.79
CA ILE A 159 -20.78 4.56 20.34
C ILE A 159 -21.06 5.58 19.24
N LEU A 160 -20.33 5.43 18.14
CA LEU A 160 -20.51 6.33 17.00
C LEU A 160 -21.98 6.40 16.56
N LEU A 161 -22.55 5.22 16.36
CA LEU A 161 -23.94 5.13 15.94
C LEU A 161 -24.88 5.81 16.93
N LYS A 162 -24.73 5.50 18.21
CA LYS A 162 -25.67 6.03 19.19
C LYS A 162 -25.48 7.51 19.35
N SER A 163 -24.29 8.05 19.13
CA SER A 163 -24.05 9.48 19.27
CA SER A 163 -24.03 9.48 19.28
C SER A 163 -24.72 10.29 18.20
N ALA A 164 -25.14 9.67 17.11
CA ALA A 164 -25.87 10.33 16.03
C ALA A 164 -27.33 10.56 16.38
N GLN A 165 -27.82 10.02 17.49
CA GLN A 165 -29.17 10.35 18.00
C GLN A 165 -30.28 10.08 16.98
N GLY A 166 -30.15 8.97 16.27
CA GLY A 166 -31.15 8.55 15.30
C GLY A 166 -30.92 9.06 13.91
N LYS A 167 -29.91 9.88 13.64
CA LYS A 167 -29.71 10.54 12.38
C LYS A 167 -28.84 9.77 11.38
N LEU A 168 -28.31 8.64 11.81
CA LEU A 168 -27.42 7.79 10.98
C LEU A 168 -28.09 6.45 10.82
N ASN A 169 -28.19 5.95 9.59
CA ASN A 169 -28.80 4.66 9.33
C ASN A 169 -28.02 3.57 10.09
N PRO A 170 -28.65 2.81 10.98
CA PRO A 170 -27.92 1.81 11.73
C PRO A 170 -27.31 0.72 10.86
N ARG A 171 -27.87 0.50 9.68
CA ARG A 171 -27.29 -0.48 8.75
C ARG A 171 -26.07 0.06 8.05
N HIS A 172 -25.73 1.32 8.25
CA HIS A 172 -24.59 1.95 7.59
C HIS A 172 -23.42 2.21 8.54
N VAL A 173 -23.42 1.68 9.73
CA VAL A 173 -22.29 1.74 10.63
C VAL A 173 -21.80 0.33 10.92
N THR A 174 -20.52 0.07 10.65
CA THR A 174 -19.98 -1.25 10.80
C THR A 174 -18.61 -1.21 11.50
N ALA A 175 -18.17 -2.36 11.93
CA ALA A 175 -16.84 -2.53 12.49
C ALA A 175 -16.14 -3.62 11.71
N MET A 176 -14.82 -3.47 11.57
CA MET A 176 -14.02 -4.39 10.76
C MET A 176 -13.48 -5.59 11.49
N THR A 177 -13.94 -6.78 11.11
CA THR A 177 -13.37 -8.06 11.42
C THR A 177 -12.69 -8.68 10.21
N ARG A 178 -12.63 -7.97 9.08
CA ARG A 178 -12.07 -8.56 7.88
C ARG A 178 -10.60 -8.88 7.95
N LEU A 179 -9.83 -8.25 8.80
CA LEU A 179 -8.43 -8.71 8.96
C LEU A 179 -8.39 -10.09 9.60
N ASP A 180 -9.22 -10.32 10.60
CA ASP A 180 -9.29 -11.64 11.23
C ASP A 180 -9.79 -12.66 10.17
N HIS A 181 -10.78 -12.27 9.36
CA HIS A 181 -11.33 -13.13 8.33
C HIS A 181 -10.26 -13.49 7.32
N ASN A 182 -9.52 -12.52 6.80
CA ASN A 182 -8.46 -12.79 5.87
C ASN A 182 -7.34 -13.61 6.48
N ARG A 183 -7.01 -13.36 7.75
CA ARG A 183 -6.05 -14.22 8.46
C ARG A 183 -6.52 -15.67 8.48
N ALA A 184 -7.80 -15.88 8.72
CA ALA A 184 -8.32 -17.25 8.77
C ALA A 184 -8.36 -17.88 7.39
N LEU A 185 -8.73 -17.16 6.34
CA LEU A 185 -8.67 -17.69 4.98
C LEU A 185 -7.28 -18.15 4.65
N SER A 186 -6.30 -17.34 4.95
CA SER A 186 -4.92 -17.63 4.64
C SER A 186 -4.42 -18.79 5.44
N LEU A 187 -4.71 -18.83 6.71
CA LEU A 187 -4.31 -19.98 7.52
C LEU A 187 -4.89 -21.27 7.01
N LEU A 188 -6.17 -21.28 6.70
CA LEU A 188 -6.83 -22.49 6.21
C LEU A 188 -6.17 -22.89 4.89
N ALA A 189 -5.85 -21.96 4.02
CA ALA A 189 -5.17 -22.29 2.77
C ALA A 189 -3.83 -22.92 3.02
N ARG A 190 -3.05 -22.42 3.98
CA ARG A 190 -1.72 -22.95 4.22
C ARG A 190 -1.86 -24.31 4.86
N LYS A 191 -2.85 -24.54 5.70
CA LYS A 191 -3.01 -25.83 6.36
C LYS A 191 -3.40 -26.88 5.35
N ALA A 192 -4.23 -26.53 4.37
CA ALA A 192 -4.66 -27.43 3.34
C ALA A 192 -3.71 -27.54 2.18
N GLY A 193 -2.71 -26.68 2.11
CA GLY A 193 -1.79 -26.63 0.99
C GLY A 193 -2.42 -26.28 -0.35
N VAL A 194 -3.32 -25.29 -0.33
CA VAL A 194 -4.04 -24.90 -1.53
C VAL A 194 -3.90 -23.37 -1.75
N PRO A 195 -4.19 -22.88 -2.98
CA PRO A 195 -4.13 -21.44 -3.20
C PRO A 195 -5.24 -20.75 -2.38
N VAL A 196 -4.93 -19.61 -1.78
CA VAL A 196 -5.93 -18.90 -0.98
C VAL A 196 -7.10 -18.43 -1.83
N SER A 197 -6.87 -18.25 -3.12
CA SER A 197 -7.95 -17.86 -4.03
C SER A 197 -9.09 -18.87 -4.08
N GLN A 198 -8.82 -20.13 -3.70
CA GLN A 198 -9.84 -21.18 -3.70
C GLN A 198 -10.60 -21.31 -2.40
N VAL A 199 -10.17 -20.62 -1.37
CA VAL A 199 -10.74 -20.76 -0.05
C VAL A 199 -11.76 -19.64 0.18
N ARG A 200 -12.93 -19.98 0.69
CA ARG A 200 -13.97 -18.98 1.02
C ARG A 200 -14.75 -19.46 2.21
N ASN A 201 -15.43 -18.51 2.83
CA ASN A 201 -16.53 -18.78 3.75
C ASN A 201 -16.13 -19.28 5.13
N VAL A 202 -14.93 -18.88 5.54
CA VAL A 202 -14.67 -18.80 6.96
C VAL A 202 -15.60 -17.73 7.56
N ILE A 203 -15.79 -17.79 8.87
CA ILE A 203 -16.64 -16.82 9.58
C ILE A 203 -15.96 -16.44 10.87
N ILE A 204 -15.88 -15.11 11.09
CA ILE A 204 -15.47 -14.60 12.38
C ILE A 204 -16.74 -14.08 13.05
N TRP A 205 -17.13 -14.70 14.15
CA TRP A 205 -18.31 -14.28 14.86
C TRP A 205 -17.96 -13.39 16.05
N GLY A 206 -18.77 -12.37 16.28
CA GLY A 206 -18.73 -11.66 17.53
C GLY A 206 -17.84 -10.44 17.57
N ASN A 207 -17.04 -10.35 18.63
CA ASN A 207 -16.24 -9.16 18.90
C ASN A 207 -14.91 -9.22 18.19
N HIS A 208 -14.41 -8.09 17.75
CA HIS A 208 -13.03 -7.98 17.29
C HIS A 208 -12.10 -7.91 18.50
N SER A 209 -11.83 -9.06 19.08
CA SER A 209 -11.07 -9.21 20.32
C SER A 209 -10.69 -10.66 20.44
N SER A 210 -10.06 -11.01 21.57
CA SER A 210 -9.75 -12.40 21.84
CA SER A 210 -9.76 -12.38 21.89
C SER A 210 -10.98 -13.28 22.10
N THR A 211 -12.17 -12.71 22.23
CA THR A 211 -13.36 -13.57 22.30
C THR A 211 -13.97 -13.85 20.93
N GLN A 212 -13.41 -13.30 19.85
CA GLN A 212 -13.90 -13.66 18.52
C GLN A 212 -13.98 -15.17 18.35
N VAL A 213 -14.91 -15.65 17.55
CA VAL A 213 -15.05 -17.08 17.29
C VAL A 213 -14.70 -17.29 15.82
N PRO A 214 -13.45 -17.69 15.54
CA PRO A 214 -13.12 -18.07 14.18
C PRO A 214 -13.71 -19.45 13.85
N ASP A 215 -14.45 -19.55 12.76
CA ASP A 215 -15.24 -20.75 12.44
C ASP A 215 -14.94 -21.14 11.02
N THR A 216 -14.53 -22.40 10.85
CA THR A 216 -14.27 -22.93 9.53
C THR A 216 -15.30 -23.99 9.13
N ASP A 217 -16.37 -24.14 9.91
CA ASP A 217 -17.30 -25.26 9.66
C ASP A 217 -18.02 -25.16 8.31
N SER A 218 -18.21 -23.94 7.80
CA SER A 218 -18.89 -23.65 6.55
C SER A 218 -17.91 -23.32 5.43
N ALA A 219 -16.61 -23.34 5.73
CA ALA A 219 -15.60 -22.96 4.75
C ALA A 219 -15.42 -24.04 3.69
N VAL A 220 -15.10 -23.59 2.48
CA VAL A 220 -14.89 -24.51 1.39
C VAL A 220 -13.62 -24.17 0.63
N ILE A 221 -13.10 -25.20 -0.04
CA ILE A 221 -12.00 -25.07 -0.94
C ILE A 221 -12.54 -25.46 -2.32
N GLY A 222 -12.67 -24.49 -3.22
CA GLY A 222 -13.52 -24.66 -4.41
C GLY A 222 -14.93 -24.78 -3.92
N THR A 223 -15.53 -25.96 -4.06
CA THR A 223 -16.84 -26.22 -3.41
C THR A 223 -16.76 -27.36 -2.40
N THR A 224 -15.54 -27.80 -2.07
CA THR A 224 -15.34 -28.92 -1.17
C THR A 224 -15.26 -28.46 0.28
N PRO A 225 -16.05 -29.03 1.20
CA PRO A 225 -15.92 -28.60 2.61
C PRO A 225 -14.48 -28.72 3.12
N ALA A 226 -13.93 -27.69 3.74
CA ALA A 226 -12.51 -27.61 3.98
C ALA A 226 -11.97 -28.78 4.81
N ARG A 227 -12.76 -29.23 5.75
CA ARG A 227 -12.45 -30.37 6.62
C ARG A 227 -12.03 -31.57 5.77
N GLU A 228 -12.82 -31.83 4.71
CA GLU A 228 -12.54 -32.97 3.79
C GLU A 228 -11.20 -32.88 3.09
N ALA A 229 -10.56 -31.70 3.10
CA ALA A 229 -9.30 -31.45 2.42
C ALA A 229 -8.09 -31.26 3.35
N ILE A 230 -8.29 -31.39 4.66
CA ILE A 230 -7.20 -31.22 5.59
C ILE A 230 -6.85 -32.57 6.22
N LYS A 231 -5.61 -32.99 5.99
CA LYS A 231 -5.13 -34.30 6.42
C LYS A 231 -4.24 -34.16 7.64
N ASP A 238 -5.10 -26.03 16.75
CA ASP A 238 -4.53 -24.72 17.04
C ASP A 238 -5.16 -23.50 16.30
N PHE A 239 -6.12 -23.74 15.41
CA PHE A 239 -6.56 -22.75 14.42
C PHE A 239 -7.07 -21.53 15.15
N VAL A 240 -7.98 -21.70 16.09
CA VAL A 240 -8.55 -20.56 16.80
C VAL A 240 -7.48 -19.73 17.52
N GLN A 241 -6.58 -20.40 18.22
CA GLN A 241 -5.49 -19.72 18.92
C GLN A 241 -4.58 -18.93 17.98
N VAL A 242 -4.27 -19.50 16.82
CA VAL A 242 -3.39 -18.82 15.84
C VAL A 242 -4.10 -17.55 15.30
N VAL A 243 -5.38 -17.65 14.98
CA VAL A 243 -6.07 -16.47 14.49
C VAL A 243 -6.17 -15.42 15.59
N ARG A 244 -6.59 -15.82 16.78
CA ARG A 244 -6.69 -14.85 17.88
C ARG A 244 -5.34 -14.22 18.25
N GLY A 245 -4.26 -14.97 18.10
CA GLY A 245 -2.94 -14.52 18.53
C GLY A 245 -2.15 -13.82 17.43
N ARG A 246 -2.72 -13.68 16.25
CA ARG A 246 -1.88 -13.27 15.09
C ARG A 246 -1.44 -11.84 15.21
N GLY A 247 -2.27 -10.91 15.67
CA GLY A 247 -1.81 -9.56 15.83
C GLY A 247 -0.60 -9.42 16.74
N ALA A 248 -0.58 -10.17 17.83
CA ALA A 248 0.50 -10.16 18.79
C ALA A 248 1.74 -10.77 18.14
N GLU A 249 1.58 -11.81 17.32
CA GLU A 249 2.66 -12.37 16.56
C GLU A 249 3.29 -11.33 15.63
N ILE A 250 2.47 -10.55 14.93
CA ILE A 250 3.01 -9.49 14.05
C ILE A 250 3.89 -8.53 14.89
N ILE A 251 3.39 -8.11 16.04
CA ILE A 251 4.15 -7.23 16.93
C ILE A 251 5.46 -7.85 17.40
N GLN A 252 5.47 -9.14 17.68
CA GLN A 252 6.70 -9.81 18.10
C GLN A 252 7.73 -9.78 16.98
N LEU A 253 7.26 -9.94 15.73
CA LEU A 253 8.17 -10.01 14.62
C LEU A 253 8.63 -8.64 14.16
N ARG A 254 7.72 -7.67 14.11
CA ARG A 254 7.98 -6.40 13.48
C ARG A 254 8.33 -5.34 14.50
N GLY A 255 7.91 -5.54 15.74
CA GLY A 255 7.97 -4.49 16.74
C GLY A 255 6.91 -3.45 16.63
N LEU A 256 6.01 -3.66 15.68
CA LEU A 256 4.95 -2.72 15.32
C LEU A 256 3.67 -3.49 14.98
N SER A 257 2.54 -2.88 15.21
CA SER A 257 1.26 -3.48 14.84
CA SER A 257 1.26 -3.47 14.83
C SER A 257 1.08 -3.60 13.32
N SER A 258 0.22 -4.51 12.93
CA SER A 258 -0.07 -4.70 11.52
CA SER A 258 -0.12 -4.70 11.53
C SER A 258 -0.60 -3.37 10.95
N ALA A 259 -0.23 -3.05 9.75
CA ALA A 259 -0.63 -1.85 9.05
C ALA A 259 -0.99 -2.16 7.61
N MET A 260 -0.07 -2.71 6.85
CA MET A 260 -0.32 -3.15 5.49
C MET A 260 -1.57 -3.98 5.42
N SER A 261 -1.61 -5.02 6.24
CA SER A 261 -2.71 -6.00 6.16
C SER A 261 -4.03 -5.47 6.67
N ALA A 262 -3.99 -4.55 7.61
CA ALA A 262 -5.17 -3.89 8.10
C ALA A 262 -5.75 -2.97 7.04
N ALA A 263 -4.89 -2.22 6.39
CA ALA A 263 -5.34 -1.37 5.28
C ALA A 263 -5.95 -2.17 4.17
N LYS A 264 -5.32 -3.31 3.81
CA LYS A 264 -5.84 -4.15 2.77
C LYS A 264 -7.23 -4.66 3.19
N ALA A 265 -7.37 -5.11 4.41
CA ALA A 265 -8.67 -5.57 4.90
C ALA A 265 -9.73 -4.49 4.89
N ALA A 266 -9.38 -3.24 5.20
CA ALA A 266 -10.37 -2.17 5.23
C ALA A 266 -10.86 -1.91 3.84
N VAL A 267 -9.94 -1.94 2.87
CA VAL A 267 -10.37 -1.83 1.47
C VAL A 267 -11.28 -2.97 1.12
N ASP A 268 -10.96 -4.20 1.46
CA ASP A 268 -11.83 -5.33 1.15
C ASP A 268 -13.19 -5.17 1.80
N HIS A 269 -13.25 -4.75 3.04
CA HIS A 269 -14.53 -4.60 3.74
C HIS A 269 -15.40 -3.64 2.95
N VAL A 270 -14.85 -2.48 2.66
CA VAL A 270 -15.64 -1.48 1.96
C VAL A 270 -15.96 -1.86 0.53
N HIS A 271 -14.98 -2.46 -0.15
CA HIS A 271 -15.16 -2.80 -1.55
C HIS A 271 -16.28 -3.82 -1.64
N ASP A 272 -16.29 -4.86 -0.82
CA ASP A 272 -17.35 -5.85 -0.86
C ASP A 272 -18.71 -5.26 -0.51
N TRP A 273 -18.74 -4.33 0.44
CA TRP A 273 -19.95 -3.67 0.83
C TRP A 273 -20.54 -2.89 -0.34
N ILE A 274 -19.74 -2.07 -1.00
CA ILE A 274 -20.20 -1.18 -2.08
C ILE A 274 -20.46 -1.96 -3.38
N HIS A 275 -19.55 -2.83 -3.76
CA HIS A 275 -19.58 -3.47 -5.08
C HIS A 275 -20.28 -4.79 -5.02
N GLY A 276 -20.45 -5.40 -3.87
CA GLY A 276 -21.07 -6.67 -3.72
C GLY A 276 -20.12 -7.83 -3.49
N THR A 277 -20.55 -8.83 -2.77
CA THR A 277 -19.81 -10.05 -2.62
C THR A 277 -20.06 -10.93 -3.88
N PRO A 278 -19.05 -11.68 -4.35
CA PRO A 278 -19.29 -12.50 -5.55
C PRO A 278 -20.22 -13.65 -5.23
N GLU A 279 -20.81 -14.26 -6.27
CA GLU A 279 -21.73 -15.38 -6.06
C GLU A 279 -21.10 -16.47 -5.18
N GLY A 280 -21.87 -16.88 -4.21
CA GLY A 280 -21.47 -17.97 -3.34
C GLY A 280 -20.58 -17.60 -2.16
N VAL A 281 -20.20 -16.33 -2.04
CA VAL A 281 -19.23 -15.89 -1.03
C VAL A 281 -19.93 -15.03 0.04
N TYR A 282 -19.59 -15.29 1.30
CA TYR A 282 -19.91 -14.34 2.38
C TYR A 282 -18.65 -13.98 3.09
N VAL A 283 -18.70 -12.77 3.70
CA VAL A 283 -17.56 -12.21 4.40
C VAL A 283 -17.98 -11.71 5.77
N SER A 284 -17.04 -11.70 6.69
CA SER A 284 -17.35 -11.30 8.06
C SER A 284 -17.38 -9.78 8.18
N MET A 285 -18.42 -9.27 8.83
CA MET A 285 -18.62 -7.83 9.05
C MET A 285 -19.23 -7.66 10.41
N GLY A 286 -18.73 -6.69 11.17
CA GLY A 286 -19.39 -6.25 12.37
C GLY A 286 -20.53 -5.33 12.03
N VAL A 287 -21.76 -5.79 12.27
CA VAL A 287 -22.96 -5.05 11.86
C VAL A 287 -23.93 -4.94 13.02
N TYR A 288 -24.85 -3.97 12.89
CA TYR A 288 -25.81 -3.77 13.95
C TYR A 288 -26.76 -4.96 14.09
N SER A 289 -26.92 -5.43 15.32
CA SER A 289 -27.52 -6.75 15.56
C SER A 289 -29.04 -6.77 15.59
N ASP A 290 -29.70 -5.63 15.55
CA ASP A 290 -31.19 -5.68 15.60
C ASP A 290 -31.63 -6.58 14.46
N GLU A 291 -32.61 -7.44 14.74
CA GLU A 291 -33.26 -8.28 13.71
C GLU A 291 -32.37 -9.41 13.11
N ASN A 292 -31.29 -9.76 13.78
CA ASN A 292 -30.45 -10.84 13.26
C ASN A 292 -31.12 -12.20 13.37
N PRO A 293 -30.78 -13.14 12.49
CA PRO A 293 -31.44 -14.45 12.47
C PRO A 293 -30.85 -15.48 13.40
N TYR A 294 -29.98 -15.12 14.34
CA TYR A 294 -29.27 -16.02 15.22
C TYR A 294 -29.69 -15.89 16.69
N GLY A 295 -30.62 -15.00 16.94
CA GLY A 295 -31.05 -14.71 18.30
C GLY A 295 -30.02 -13.99 19.15
N VAL A 296 -28.99 -13.42 18.53
CA VAL A 296 -28.02 -12.62 19.28
C VAL A 296 -28.75 -11.36 19.82
N PRO A 297 -28.39 -10.86 21.01
CA PRO A 297 -29.11 -9.71 21.53
C PRO A 297 -29.05 -8.51 20.59
N SER A 298 -30.12 -7.74 20.58
CA SER A 298 -30.23 -6.49 19.83
CA SER A 298 -30.21 -6.49 19.83
C SER A 298 -29.31 -5.43 20.39
N GLY A 299 -29.03 -4.40 19.60
CA GLY A 299 -28.33 -3.24 20.12
C GLY A 299 -26.83 -3.34 20.21
N LEU A 300 -26.25 -4.32 19.52
CA LEU A 300 -24.81 -4.51 19.50
C LEU A 300 -24.30 -4.36 18.08
N ILE A 301 -23.02 -4.06 17.95
CA ILE A 301 -22.28 -4.26 16.69
C ILE A 301 -21.60 -5.61 16.84
N PHE A 302 -21.95 -6.56 16.00
CA PHE A 302 -21.60 -7.96 16.16
C PHE A 302 -21.16 -8.51 14.81
N SER A 303 -20.05 -9.24 14.78
CA SER A 303 -19.57 -9.79 13.53
C SER A 303 -20.37 -11.03 13.15
N PHE A 304 -20.83 -11.00 11.93
CA PHE A 304 -21.65 -12.05 11.32
C PHE A 304 -21.19 -12.34 9.91
N PRO A 305 -21.49 -13.54 9.39
CA PRO A 305 -21.32 -13.79 7.98
C PRO A 305 -22.30 -13.01 7.15
N CYS A 306 -21.84 -12.26 6.17
CA CYS A 306 -22.68 -11.37 5.38
C CYS A 306 -22.44 -11.51 3.90
N THR A 307 -23.52 -11.46 3.11
CA THR A 307 -23.44 -11.09 1.72
C THR A 307 -23.73 -9.62 1.57
N CYS A 308 -23.27 -9.05 0.48
CA CYS A 308 -23.53 -7.66 0.18
C CYS A 308 -24.00 -7.49 -1.24
N HIS A 309 -25.11 -6.83 -1.39
N HIS A 309 -24.79 -6.42 -1.49
CA HIS A 309 -25.68 -6.66 -2.66
CA HIS A 309 -25.22 -5.95 -2.83
C HIS A 309 -26.31 -5.29 -2.60
C HIS A 309 -25.47 -4.44 -2.83
N ALA A 310 -26.14 -4.53 -3.68
N ALA A 310 -24.78 -3.69 -3.71
CA ALA A 310 -26.72 -3.18 -3.81
CA ALA A 310 -24.95 -2.23 -3.87
C ALA A 310 -26.37 -2.23 -2.65
C ALA A 310 -25.02 -1.47 -2.56
N GLY A 311 -25.15 -2.37 -2.13
N GLY A 311 -24.03 -1.69 -1.70
CA GLY A 311 -24.63 -1.46 -1.10
CA GLY A 311 -24.02 -1.03 -0.40
C GLY A 311 -25.04 -1.70 0.36
C GLY A 311 -24.92 -1.63 0.67
N GLU A 312 -25.56 -2.83 0.50
CA GLU A 312 -26.27 -3.29 1.67
C GLU A 312 -25.83 -4.67 2.11
N TRP A 313 -25.56 -4.88 3.40
CA TRP A 313 -25.29 -6.20 3.92
C TRP A 313 -26.57 -6.96 4.23
N THR A 314 -26.47 -8.27 4.18
CA THR A 314 -27.50 -9.19 4.68
C THR A 314 -26.80 -10.30 5.44
N VAL A 315 -27.21 -10.57 6.68
CA VAL A 315 -26.63 -11.66 7.44
C VAL A 315 -27.06 -13.01 6.84
N VAL A 316 -26.14 -13.91 6.61
CA VAL A 316 -26.44 -15.25 6.10
C VAL A 316 -26.85 -16.10 7.27
N SER A 317 -28.04 -16.70 7.19
CA SER A 317 -28.58 -17.58 8.26
C SER A 317 -28.11 -19.02 8.11
N GLY A 318 -28.33 -19.78 9.18
CA GLY A 318 -28.17 -21.23 9.14
C GLY A 318 -26.74 -21.73 9.33
N LYS A 319 -25.82 -20.85 9.67
CA LYS A 319 -24.41 -21.22 9.80
C LYS A 319 -23.91 -21.57 11.19
N LEU A 320 -24.82 -21.66 12.16
CA LEU A 320 -24.48 -22.16 13.50
C LEU A 320 -25.10 -23.53 13.80
N LYS A 326 -25.01 -22.08 18.81
CA LYS A 326 -25.33 -20.78 19.41
C LYS A 326 -24.65 -20.57 20.78
N GLN A 327 -24.52 -21.64 21.58
CA GLN A 327 -23.72 -21.60 22.82
C GLN A 327 -22.26 -21.21 22.53
N ARG A 328 -21.79 -21.52 21.32
CA ARG A 328 -20.48 -21.09 20.81
C ARG A 328 -20.29 -19.55 20.99
N LEU A 329 -21.39 -18.77 20.98
CA LEU A 329 -21.31 -17.28 20.96
C LEU A 329 -21.47 -16.66 22.33
N ALA A 330 -21.75 -17.46 23.37
CA ALA A 330 -22.09 -16.88 24.65
C ALA A 330 -21.03 -15.95 25.24
N SER A 331 -19.77 -16.34 25.17
CA SER A 331 -18.71 -15.55 25.76
CA SER A 331 -18.71 -15.55 25.76
C SER A 331 -18.50 -14.21 25.02
N THR A 332 -18.53 -14.23 23.70
CA THR A 332 -18.35 -12.99 22.94
C THR A 332 -19.57 -12.06 23.06
N ILE A 333 -20.78 -12.65 23.12
CA ILE A 333 -21.97 -11.83 23.41
C ILE A 333 -21.83 -11.15 24.77
N ALA A 334 -21.42 -11.93 25.77
CA ALA A 334 -21.29 -11.36 27.11
C ALA A 334 -20.25 -10.26 27.18
N GLU A 335 -19.13 -10.41 26.45
CA GLU A 335 -18.12 -9.39 26.45
C GLU A 335 -18.65 -8.11 25.77
N LEU A 336 -19.34 -8.26 24.64
CA LEU A 336 -19.94 -7.08 23.98
C LEU A 336 -20.98 -6.36 24.85
N GLN A 337 -21.71 -7.13 25.64
CA GLN A 337 -22.69 -6.51 26.55
C GLN A 337 -21.98 -5.76 27.67
N GLU A 338 -20.89 -6.34 28.17
CA GLU A 338 -20.09 -5.66 29.18
C GLU A 338 -19.49 -4.35 28.66
N GLU A 339 -19.00 -4.38 27.42
CA GLU A 339 -18.40 -3.17 26.85
C GLU A 339 -19.47 -2.11 26.60
N ARG A 340 -20.62 -2.54 26.18
CA ARG A 340 -21.71 -1.58 25.94
C ARG A 340 -22.09 -0.86 27.25
N ALA A 341 -22.15 -1.60 28.36
CA ALA A 341 -22.41 -1.00 29.69
C ALA A 341 -21.30 -0.03 30.06
N GLN A 342 -20.05 -0.43 29.86
CA GLN A 342 -18.90 0.43 30.10
C GLN A 342 -18.88 1.71 29.28
N ALA A 343 -19.55 1.68 28.13
CA ALA A 343 -19.66 2.83 27.24
C ALA A 343 -20.74 3.82 27.70
N GLY A 344 -21.36 3.53 28.84
CA GLY A 344 -22.50 4.31 29.27
C GLY A 344 -23.64 4.17 28.31
N LEU A 345 -23.72 3.02 27.63
CA LEU A 345 -24.80 2.74 26.70
C LEU A 345 -25.62 1.54 27.15
N SER B 23 3.53 -20.23 -14.94
CA SER B 23 3.46 -20.16 -13.44
C SER B 23 3.58 -18.71 -12.94
N ALA B 24 3.93 -18.57 -11.66
CA ALA B 24 4.04 -17.24 -11.10
C ALA B 24 5.33 -16.53 -11.61
N VAL B 25 5.24 -15.24 -11.92
CA VAL B 25 6.44 -14.47 -12.26
C VAL B 25 7.21 -14.22 -10.95
N LYS B 26 8.51 -14.49 -10.91
CA LYS B 26 9.31 -14.36 -9.75
C LYS B 26 9.89 -12.94 -9.70
N VAL B 27 9.62 -12.25 -8.61
CA VAL B 27 9.96 -10.83 -8.44
C VAL B 27 10.78 -10.72 -7.17
N ALA B 28 12.00 -10.20 -7.26
CA ALA B 28 12.82 -9.93 -6.07
C ALA B 28 12.70 -8.47 -5.71
N VAL B 29 12.67 -8.23 -4.40
CA VAL B 29 12.70 -6.89 -3.86
C VAL B 29 13.79 -6.82 -2.82
N THR B 30 14.82 -6.00 -3.03
CA THR B 30 15.85 -5.81 -2.03
C THR B 30 15.54 -4.62 -1.15
N GLY B 31 16.22 -4.52 -0.01
CA GLY B 31 15.80 -3.55 1.00
C GLY B 31 14.41 -3.80 1.50
N ALA B 32 13.96 -5.03 1.54
CA ALA B 32 12.58 -5.36 1.73
C ALA B 32 12.09 -5.12 3.14
N ALA B 33 12.97 -4.87 4.11
CA ALA B 33 12.58 -4.53 5.48
C ALA B 33 12.44 -3.01 5.66
N GLY B 34 12.70 -2.21 4.65
CA GLY B 34 12.56 -0.79 4.76
C GLY B 34 11.19 -0.29 4.40
N GLN B 35 11.03 1.02 4.53
CA GLN B 35 9.73 1.62 4.36
C GLN B 35 9.24 1.65 2.93
N ILE B 36 10.10 1.84 1.96
CA ILE B 36 9.70 1.72 0.57
C ILE B 36 9.22 0.29 0.33
N GLY B 37 9.99 -0.70 0.77
CA GLY B 37 9.60 -2.10 0.61
C GLY B 37 8.25 -2.38 1.19
N TYR B 38 7.97 -1.81 2.36
CA TYR B 38 6.70 -2.08 3.04
C TYR B 38 5.55 -1.53 2.22
N ALA B 39 5.75 -0.36 1.59
CA ALA B 39 4.74 0.23 0.72
C ALA B 39 4.60 -0.49 -0.60
N LEU B 40 5.70 -1.07 -1.08
CA LEU B 40 5.79 -1.64 -2.42
C LEU B 40 5.20 -3.05 -2.50
N VAL B 41 5.57 -3.91 -1.56
CA VAL B 41 5.18 -5.31 -1.71
C VAL B 41 3.66 -5.54 -1.72
N PRO B 42 2.82 -4.80 -0.99
CA PRO B 42 1.37 -5.06 -1.16
C PRO B 42 0.84 -4.57 -2.48
N LEU B 43 1.49 -3.57 -3.13
CA LEU B 43 1.07 -3.14 -4.43
C LEU B 43 1.40 -4.23 -5.44
N ILE B 44 2.59 -4.78 -5.39
CA ILE B 44 2.94 -5.88 -6.27
C ILE B 44 1.95 -7.02 -6.09
N ALA B 45 1.71 -7.40 -4.86
CA ALA B 45 0.91 -8.57 -4.54
C ALA B 45 -0.54 -8.45 -4.99
N ARG B 46 -1.07 -7.23 -5.04
CA ARG B 46 -2.46 -7.02 -5.41
C ARG B 46 -2.63 -6.96 -6.92
N GLY B 47 -1.57 -7.00 -7.70
CA GLY B 47 -1.65 -7.01 -9.14
C GLY B 47 -1.16 -5.77 -9.86
N ALA B 48 -0.69 -4.78 -9.11
CA ALA B 48 -0.38 -3.49 -9.71
C ALA B 48 0.82 -3.48 -10.60
N LEU B 49 1.74 -4.41 -10.40
CA LEU B 49 2.97 -4.49 -11.16
C LEU B 49 2.77 -5.12 -12.53
N LEU B 50 2.11 -6.27 -12.55
CA LEU B 50 2.02 -7.13 -13.75
C LEU B 50 0.62 -7.38 -14.23
N GLY B 51 -0.39 -6.87 -13.56
CA GLY B 51 -1.75 -6.87 -14.05
C GLY B 51 -2.63 -7.88 -13.39
N PRO B 52 -3.90 -7.88 -13.75
CA PRO B 52 -4.89 -8.56 -12.96
C PRO B 52 -4.93 -10.08 -13.09
N THR B 53 -4.18 -10.66 -14.00
CA THR B 53 -4.22 -12.10 -14.26
C THR B 53 -2.90 -12.81 -14.02
N THR B 54 -1.85 -12.08 -13.63
CA THR B 54 -0.50 -12.62 -13.57
C THR B 54 -0.13 -12.90 -12.11
N PRO B 55 -0.06 -14.18 -11.71
CA PRO B 55 0.42 -14.47 -10.36
C PRO B 55 1.86 -14.09 -10.19
N VAL B 56 2.24 -13.80 -8.95
CA VAL B 56 3.58 -13.38 -8.59
C VAL B 56 4.09 -14.21 -7.44
N GLU B 57 5.40 -14.41 -7.44
CA GLU B 57 6.13 -14.93 -6.29
C GLU B 57 7.07 -13.85 -5.85
N LEU B 58 7.02 -13.48 -4.58
CA LEU B 58 7.92 -12.43 -4.06
C LEU B 58 9.08 -13.04 -3.32
N ARG B 59 10.25 -12.58 -3.65
CA ARG B 59 11.49 -13.00 -2.95
C ARG B 59 12.09 -11.77 -2.33
N LEU B 60 12.11 -11.71 -1.03
CA LEU B 60 12.42 -10.52 -0.27
C LEU B 60 13.79 -10.64 0.34
N LEU B 61 14.66 -9.68 0.06
CA LEU B 61 16.03 -9.67 0.54
C LEU B 61 16.25 -8.45 1.44
N ASP B 62 16.91 -8.67 2.57
CA ASP B 62 17.50 -7.57 3.33
C ASP B 62 18.67 -8.14 4.10
N ILE B 63 19.31 -7.34 4.91
CA ILE B 63 20.48 -7.78 5.67
C ILE B 63 20.06 -8.78 6.76
N GLU B 64 21.02 -9.59 7.20
CA GLU B 64 20.71 -10.63 8.15
C GLU B 64 20.10 -10.17 9.45
N PRO B 65 20.53 -9.01 9.97
CA PRO B 65 19.88 -8.52 11.19
C PRO B 65 18.41 -8.14 11.06
N ALA B 66 17.94 -8.01 9.80
CA ALA B 66 16.56 -7.66 9.47
C ALA B 66 15.69 -8.90 9.22
N LEU B 67 16.19 -10.12 9.41
CA LEU B 67 15.41 -11.32 9.07
C LEU B 67 14.14 -11.45 9.86
N LYS B 68 14.09 -11.08 11.13
CA LYS B 68 12.87 -11.17 11.91
C LYS B 68 11.84 -10.18 11.36
N ALA B 69 12.27 -8.95 11.10
CA ALA B 69 11.43 -7.95 10.45
C ALA B 69 10.87 -8.48 9.13
N LEU B 70 11.72 -9.15 8.35
CA LEU B 70 11.22 -9.70 7.06
C LEU B 70 10.17 -10.76 7.30
N ALA B 71 10.34 -11.60 8.30
CA ALA B 71 9.32 -12.59 8.66
C ALA B 71 8.00 -11.91 9.00
N GLY B 72 8.06 -10.72 9.61
CA GLY B 72 6.85 -9.95 9.90
C GLY B 72 6.20 -9.44 8.61
N VAL B 73 7.00 -8.98 7.67
CA VAL B 73 6.45 -8.54 6.39
C VAL B 73 5.79 -9.72 5.72
N GLU B 74 6.41 -10.90 5.68
CA GLU B 74 5.83 -12.08 5.10
C GLU B 74 4.51 -12.46 5.77
N ALA B 75 4.48 -12.40 7.07
CA ALA B 75 3.26 -12.71 7.77
C ALA B 75 2.12 -11.76 7.41
N GLU B 76 2.41 -10.48 7.32
CA GLU B 76 1.40 -9.52 6.89
C GLU B 76 0.96 -9.75 5.45
N LEU B 77 1.89 -10.09 4.56
CA LEU B 77 1.51 -10.44 3.21
C LEU B 77 0.55 -11.65 3.19
N GLU B 78 0.84 -12.67 3.97
CA GLU B 78 -0.05 -13.83 4.10
C GLU B 78 -1.43 -13.40 4.55
N ASP B 79 -1.46 -12.47 5.51
CA ASP B 79 -2.70 -12.07 6.15
C ASP B 79 -3.56 -11.20 5.23
N CYS B 80 -3.05 -10.80 4.10
CA CYS B 80 -3.79 -10.08 3.09
C CYS B 80 -4.64 -11.01 2.24
N ALA B 81 -4.40 -12.32 2.24
CA ALA B 81 -5.13 -13.26 1.41
C ALA B 81 -5.19 -12.82 -0.04
N PHE B 82 -4.04 -12.45 -0.60
CA PHE B 82 -3.96 -11.99 -1.97
C PHE B 82 -4.12 -13.14 -2.95
N PRO B 83 -5.11 -13.10 -3.83
CA PRO B 83 -5.24 -14.26 -4.75
C PRO B 83 -4.09 -14.42 -5.72
N LEU B 84 -3.39 -13.35 -6.11
CA LEU B 84 -2.29 -13.48 -7.08
C LEU B 84 -0.99 -13.81 -6.44
N LEU B 85 -0.86 -13.83 -5.13
CA LEU B 85 0.46 -14.02 -4.50
C LEU B 85 0.68 -15.51 -4.25
N ASP B 86 1.45 -16.13 -5.11
CA ASP B 86 1.56 -17.57 -5.01
C ASP B 86 2.51 -18.02 -3.90
N LYS B 87 3.54 -17.25 -3.63
CA LYS B 87 4.58 -17.65 -2.69
C LYS B 87 5.35 -16.41 -2.25
N VAL B 88 5.87 -16.45 -1.03
CA VAL B 88 6.81 -15.46 -0.50
C VAL B 88 8.00 -16.19 0.10
N VAL B 89 9.19 -15.74 -0.22
CA VAL B 89 10.43 -16.23 0.40
C VAL B 89 11.12 -15.01 0.99
N VAL B 90 11.69 -15.15 2.18
CA VAL B 90 12.51 -14.11 2.78
C VAL B 90 13.89 -14.65 3.07
N THR B 91 14.89 -13.81 2.86
CA THR B 91 16.26 -14.26 2.95
C THR B 91 17.19 -13.08 3.15
N ALA B 92 18.40 -13.36 3.66
CA ALA B 92 19.53 -12.44 3.66
C ALA B 92 20.58 -12.82 2.61
N ASP B 93 20.36 -13.89 1.88
CA ASP B 93 21.28 -14.36 0.85
C ASP B 93 20.87 -13.91 -0.56
N PRO B 94 21.66 -13.02 -1.21
CA PRO B 94 21.25 -12.54 -2.55
C PRO B 94 21.01 -13.68 -3.54
N ARG B 95 21.82 -14.74 -3.50
CA ARG B 95 21.61 -15.85 -4.42
CA ARG B 95 21.61 -15.84 -4.44
C ARG B 95 20.28 -16.55 -4.22
N VAL B 96 19.84 -16.67 -2.98
CA VAL B 96 18.52 -17.20 -2.73
C VAL B 96 17.48 -16.21 -3.26
N ALA B 97 17.62 -14.92 -3.00
CA ALA B 97 16.62 -13.95 -3.44
C ALA B 97 16.46 -13.92 -4.92
N PHE B 98 17.56 -13.99 -5.69
CA PHE B 98 17.50 -13.79 -7.13
C PHE B 98 17.32 -15.06 -7.93
N ASP B 99 17.21 -16.21 -7.26
CA ASP B 99 17.12 -17.46 -7.97
C ASP B 99 15.89 -17.50 -8.89
N GLY B 100 16.14 -17.55 -10.19
CA GLY B 100 15.10 -17.64 -11.17
C GLY B 100 14.31 -16.38 -11.43
N VAL B 101 14.70 -15.24 -10.86
CA VAL B 101 13.81 -14.08 -10.94
C VAL B 101 13.84 -13.43 -12.30
N ALA B 102 12.67 -12.91 -12.67
CA ALA B 102 12.46 -12.18 -13.89
C ALA B 102 12.47 -10.67 -13.74
N ILE B 103 12.22 -10.17 -12.52
CA ILE B 103 12.17 -8.74 -12.22
C ILE B 103 12.85 -8.58 -10.90
N ALA B 104 13.72 -7.60 -10.79
CA ALA B 104 14.38 -7.27 -9.52
C ALA B 104 14.29 -5.80 -9.27
N ILE B 105 13.70 -5.42 -8.15
CA ILE B 105 13.51 -4.03 -7.74
C ILE B 105 14.44 -3.77 -6.58
N MET B 106 15.48 -2.99 -6.81
CA MET B 106 16.62 -2.89 -5.88
CA MET B 106 16.56 -2.91 -5.84
C MET B 106 16.46 -1.66 -5.01
N CYS B 107 15.78 -1.79 -3.88
CA CYS B 107 15.57 -0.67 -2.96
C CYS B 107 16.67 -0.57 -1.95
N GLY B 108 17.40 -1.65 -1.65
CA GLY B 108 18.45 -1.61 -0.66
C GLY B 108 19.68 -0.90 -1.20
N ALA B 109 20.30 -0.14 -0.33
CA ALA B 109 21.58 0.50 -0.64
C ALA B 109 22.28 0.76 0.69
N PHE B 110 23.49 1.30 0.62
CA PHE B 110 24.25 1.52 1.81
C PHE B 110 23.60 2.65 2.57
N PRO B 111 23.46 2.52 3.90
CA PRO B 111 22.88 3.67 4.63
C PRO B 111 23.86 4.85 4.65
N ARG B 112 23.41 6.02 4.22
CA ARG B 112 24.28 7.20 4.14
C ARG B 112 24.48 7.81 5.54
N LYS B 113 25.75 8.02 5.91
CA LYS B 113 26.12 8.43 7.27
C LYS B 113 26.29 9.94 7.34
N ALA B 114 26.27 10.47 8.56
CA ALA B 114 26.43 11.91 8.79
C ALA B 114 27.78 12.38 8.25
N GLY B 115 27.72 13.31 7.30
CA GLY B 115 28.94 13.90 6.72
C GLY B 115 29.91 12.89 6.14
N MET B 116 29.37 11.90 5.44
CA MET B 116 30.18 10.87 4.78
C MET B 116 30.75 11.38 3.44
N GLU B 117 31.98 11.00 3.13
CA GLU B 117 32.60 11.40 1.86
C GLU B 117 31.87 10.71 0.68
N ARG B 118 31.66 11.44 -0.42
CA ARG B 118 30.95 10.89 -1.58
C ARG B 118 31.71 9.69 -2.18
N LYS B 119 33.05 9.76 -2.23
CA LYS B 119 33.86 8.61 -2.68
C LYS B 119 33.63 7.37 -1.79
N ASP B 120 33.60 7.57 -0.48
CA ASP B 120 33.41 6.47 0.48
C ASP B 120 32.03 5.83 0.30
N LEU B 121 31.01 6.67 0.16
CA LEU B 121 29.66 6.22 -0.05
C LEU B 121 29.56 5.38 -1.33
N LEU B 122 30.21 5.83 -2.40
CA LEU B 122 30.17 5.13 -3.69
C LEU B 122 30.88 3.80 -3.59
N GLU B 123 32.03 3.75 -2.92
CA GLU B 123 32.73 2.50 -2.70
C GLU B 123 31.91 1.51 -1.87
N MET B 124 31.22 1.98 -0.84
CA MET B 124 30.43 1.08 -0.01
C MET B 124 29.23 0.53 -0.81
N ASN B 125 28.57 1.38 -1.58
CA ASN B 125 27.51 0.91 -2.47
C ASN B 125 28.08 -0.03 -3.54
N ALA B 126 29.28 0.24 -4.02
CA ALA B 126 29.86 -0.66 -5.01
C ALA B 126 29.99 -2.09 -4.49
N ARG B 127 30.34 -2.24 -3.21
CA ARG B 127 30.41 -3.55 -2.60
C ARG B 127 29.06 -4.29 -2.72
N ILE B 128 27.99 -3.61 -2.35
CA ILE B 128 26.62 -4.18 -2.36
C ILE B 128 26.21 -4.54 -3.77
N PHE B 129 26.36 -3.59 -4.69
CA PHE B 129 25.85 -3.79 -6.04
C PHE B 129 26.70 -4.72 -6.86
N LYS B 130 28.00 -4.84 -6.54
CA LYS B 130 28.83 -5.82 -7.18
C LYS B 130 28.38 -7.23 -6.78
N GLU B 131 28.20 -7.47 -5.49
CA GLU B 131 27.74 -8.76 -5.00
C GLU B 131 26.36 -9.08 -5.59
N GLN B 132 25.45 -8.11 -5.63
CA GLN B 132 24.13 -8.36 -6.18
C GLN B 132 24.12 -8.61 -7.67
N GLY B 133 24.96 -7.87 -8.41
CA GLY B 133 25.09 -8.12 -9.82
C GLY B 133 25.64 -9.50 -10.12
N GLU B 134 26.62 -9.91 -9.32
CA GLU B 134 27.19 -11.25 -9.48
C GLU B 134 26.13 -12.31 -9.19
N ALA B 135 25.29 -12.07 -8.17
CA ALA B 135 24.26 -13.03 -7.82
C ALA B 135 23.22 -13.11 -8.92
N ILE B 136 22.78 -11.95 -9.43
CA ILE B 136 21.82 -11.93 -10.53
C ILE B 136 22.39 -12.70 -11.72
N ALA B 137 23.66 -12.44 -12.06
CA ALA B 137 24.29 -13.14 -13.19
C ALA B 137 24.28 -14.64 -12.95
N ALA B 138 24.57 -15.07 -11.71
CA ALA B 138 24.69 -16.48 -11.39
C ALA B 138 23.39 -17.24 -11.47
N VAL B 139 22.29 -16.66 -10.97
CA VAL B 139 21.07 -17.45 -10.77
C VAL B 139 19.77 -16.87 -11.31
N ALA B 140 19.74 -15.59 -11.67
CA ALA B 140 18.46 -15.03 -12.14
C ALA B 140 18.15 -15.55 -13.53
N ALA B 141 16.93 -15.36 -13.98
CA ALA B 141 16.62 -15.67 -15.39
C ALA B 141 17.47 -14.82 -16.33
N SER B 142 17.83 -15.38 -17.50
CA SER B 142 18.70 -14.66 -18.44
C SER B 142 18.14 -13.28 -18.86
N ASP B 143 16.81 -13.24 -19.02
CA ASP B 143 16.12 -12.00 -19.43
C ASP B 143 15.64 -11.12 -18.27
N CYS B 144 16.21 -11.30 -17.09
CA CYS B 144 15.81 -10.55 -15.92
C CYS B 144 15.93 -9.04 -16.18
N ARG B 145 14.90 -8.34 -15.77
CA ARG B 145 14.82 -6.88 -15.82
C ARG B 145 15.00 -6.30 -14.42
N VAL B 146 15.87 -5.34 -14.32
CA VAL B 146 16.27 -4.75 -13.06
C VAL B 146 15.98 -3.26 -13.05
N VAL B 147 15.42 -2.75 -11.95
CA VAL B 147 15.37 -1.34 -11.68
C VAL B 147 15.99 -1.07 -10.33
N VAL B 148 16.93 -0.11 -10.30
CA VAL B 148 17.51 0.31 -9.06
C VAL B 148 16.83 1.57 -8.56
N VAL B 149 16.30 1.48 -7.33
CA VAL B 149 15.66 2.56 -6.61
C VAL B 149 16.59 3.19 -5.59
N GLY B 150 17.31 2.39 -4.83
CA GLY B 150 18.21 2.86 -3.79
C GLY B 150 19.33 3.70 -4.35
N ASN B 151 19.68 4.75 -3.61
CA ASN B 151 20.65 5.73 -4.10
C ASN B 151 22.07 5.40 -3.78
N PRO B 152 23.04 5.87 -4.62
CA PRO B 152 22.88 6.66 -5.86
C PRO B 152 22.43 5.81 -7.04
N ALA B 153 21.20 6.01 -7.49
CA ALA B 153 20.53 4.99 -8.29
C ALA B 153 21.24 4.70 -9.62
N ASN B 154 21.60 5.75 -10.34
CA ASN B 154 22.20 5.54 -11.65
C ASN B 154 23.51 4.81 -11.55
N THR B 155 24.37 5.22 -10.61
CA THR B 155 25.68 4.60 -10.50
C THR B 155 25.57 3.20 -9.93
N ASN B 156 24.64 2.98 -8.99
CA ASN B 156 24.40 1.65 -8.46
C ASN B 156 23.98 0.71 -9.56
N ALA B 157 23.08 1.15 -10.44
CA ALA B 157 22.66 0.37 -11.59
C ALA B 157 23.85 0.05 -12.50
N LEU B 158 24.72 1.02 -12.73
CA LEU B 158 25.89 0.80 -13.57
C LEU B 158 26.82 -0.23 -12.93
N ILE B 159 27.07 -0.11 -11.62
CA ILE B 159 27.83 -1.13 -10.94
C ILE B 159 27.24 -2.52 -11.12
N LEU B 160 25.93 -2.61 -10.89
CA LEU B 160 25.27 -3.89 -11.01
C LEU B 160 25.50 -4.49 -12.39
N LEU B 161 25.22 -3.71 -13.43
CA LEU B 161 25.37 -4.16 -14.82
C LEU B 161 26.82 -4.62 -15.09
N LYS B 162 27.77 -3.79 -14.75
CA LYS B 162 29.17 -4.13 -15.04
C LYS B 162 29.62 -5.33 -14.22
N SER B 163 29.11 -5.55 -13.05
CA SER B 163 29.51 -6.68 -12.22
CA SER B 163 29.49 -6.68 -12.19
C SER B 163 28.92 -7.99 -12.68
N ALA B 164 27.97 -7.96 -13.60
CA ALA B 164 27.29 -9.16 -14.08
C ALA B 164 28.11 -9.80 -15.20
N GLN B 165 29.20 -9.14 -15.59
CA GLN B 165 30.17 -9.69 -16.53
C GLN B 165 29.48 -10.37 -17.71
N GLY B 166 28.59 -9.64 -18.37
CA GLY B 166 27.94 -10.12 -19.58
C GLY B 166 26.61 -10.83 -19.44
N LYS B 167 26.31 -11.38 -18.28
CA LYS B 167 25.07 -12.19 -18.10
C LYS B 167 23.80 -11.38 -18.11
N LEU B 168 23.93 -10.05 -18.02
CA LEU B 168 22.78 -9.20 -18.01
C LEU B 168 22.81 -8.31 -19.23
N ASN B 169 21.71 -8.37 -19.97
CA ASN B 169 21.48 -7.54 -21.11
C ASN B 169 21.56 -6.07 -20.66
N PRO B 170 22.42 -5.26 -21.26
CA PRO B 170 22.50 -3.86 -20.77
C PRO B 170 21.22 -3.08 -20.88
N ARG B 171 20.36 -3.45 -21.82
CA ARG B 171 19.06 -2.79 -21.98
C ARG B 171 18.06 -3.20 -20.89
N HIS B 172 18.48 -4.15 -20.04
CA HIS B 172 17.61 -4.68 -18.96
C HIS B 172 18.04 -4.26 -17.58
N VAL B 173 18.88 -3.25 -17.48
CA VAL B 173 19.29 -2.69 -16.20
C VAL B 173 18.96 -1.21 -16.23
N THR B 174 18.16 -0.74 -15.30
CA THR B 174 17.68 0.63 -15.27
C THR B 174 17.78 1.23 -13.87
N ALA B 175 17.68 2.55 -13.81
CA ALA B 175 17.60 3.29 -12.55
C ALA B 175 16.35 4.14 -12.58
N MET B 176 15.74 4.31 -11.41
CA MET B 176 14.47 5.01 -11.33
C MET B 176 14.56 6.51 -11.14
N THR B 177 14.10 7.26 -12.13
CA THR B 177 13.80 8.67 -12.04
C THR B 177 12.29 8.96 -12.07
N ARG B 178 11.47 7.91 -12.02
CA ARG B 178 10.05 8.06 -12.11
C ARG B 178 9.43 8.84 -10.95
N LEU B 179 10.04 8.79 -9.77
CA LEU B 179 9.53 9.64 -8.69
C LEU B 179 9.71 11.12 -9.03
N ASP B 180 10.90 11.48 -9.53
CA ASP B 180 11.09 12.86 -9.98
C ASP B 180 10.11 13.19 -11.10
N HIS B 181 9.89 12.29 -12.03
CA HIS B 181 8.99 12.51 -13.14
C HIS B 181 7.58 12.75 -12.63
N ASN B 182 7.07 11.87 -11.73
CA ASN B 182 5.75 12.01 -11.18
C ASN B 182 5.62 13.32 -10.40
N ARG B 183 6.64 13.67 -9.63
CA ARG B 183 6.67 14.98 -8.93
C ARG B 183 6.52 16.14 -9.90
N ALA B 184 7.22 16.08 -11.03
CA ALA B 184 7.13 17.12 -12.05
C ALA B 184 5.77 17.15 -12.72
N LEU B 185 5.17 16.00 -13.02
CA LEU B 185 3.82 16.00 -13.56
C LEU B 185 2.86 16.70 -12.60
N SER B 186 2.97 16.36 -11.31
CA SER B 186 2.08 16.89 -10.31
C SER B 186 2.28 18.39 -10.17
N LEU B 187 3.51 18.84 -10.15
CA LEU B 187 3.81 20.27 -9.98
C LEU B 187 3.25 21.00 -11.18
N LEU B 188 3.49 20.53 -12.39
CA LEU B 188 2.98 21.19 -13.59
C LEU B 188 1.48 21.27 -13.56
N ALA B 189 0.77 20.22 -13.13
CA ALA B 189 -0.66 20.22 -13.08
C ALA B 189 -1.12 21.24 -12.05
N ARG B 190 -0.47 21.30 -10.89
CA ARG B 190 -0.82 22.29 -9.84
C ARG B 190 -0.61 23.72 -10.35
N LYS B 191 0.49 23.96 -11.03
CA LYS B 191 0.77 25.33 -11.54
C LYS B 191 -0.20 25.74 -12.62
N ALA B 192 -0.66 24.81 -13.43
CA ALA B 192 -1.58 25.08 -14.51
C ALA B 192 -3.02 25.01 -14.06
N GLY B 193 -3.26 24.60 -12.81
CA GLY B 193 -4.61 24.40 -12.27
C GLY B 193 -5.47 23.40 -13.01
N VAL B 194 -4.85 22.30 -13.46
CA VAL B 194 -5.56 21.25 -14.19
C VAL B 194 -5.39 19.88 -13.49
N PRO B 195 -6.26 18.93 -13.79
CA PRO B 195 -6.06 17.58 -13.21
C PRO B 195 -4.77 16.96 -13.73
N VAL B 196 -4.09 16.20 -12.88
CA VAL B 196 -2.81 15.62 -13.27
C VAL B 196 -2.98 14.58 -14.38
N SER B 197 -4.15 13.99 -14.49
CA SER B 197 -4.45 13.06 -15.59
C SER B 197 -4.33 13.71 -16.98
N GLN B 198 -4.42 15.04 -17.04
CA GLN B 198 -4.33 15.81 -18.29
C GLN B 198 -2.91 16.11 -18.71
N VAL B 199 -1.95 15.93 -17.82
CA VAL B 199 -0.56 16.34 -18.04
C VAL B 199 0.27 15.13 -18.39
N ARG B 200 1.16 15.28 -19.36
CA ARG B 200 2.11 14.24 -19.71
C ARG B 200 3.39 14.84 -20.29
N ASN B 201 4.42 14.01 -20.34
CA ASN B 201 5.60 14.28 -21.17
C ASN B 201 6.51 15.38 -20.66
N VAL B 202 6.49 15.56 -19.34
CA VAL B 202 7.67 16.07 -18.66
C VAL B 202 8.83 15.12 -18.89
N ILE B 203 10.06 15.59 -18.73
CA ILE B 203 11.25 14.75 -18.88
C ILE B 203 12.20 15.05 -17.75
N ILE B 204 12.74 14.04 -17.13
CA ILE B 204 13.83 14.18 -16.18
C ILE B 204 15.07 13.65 -16.88
N TRP B 205 16.05 14.52 -17.17
CA TRP B 205 17.28 14.11 -17.83
C TRP B 205 18.38 13.87 -16.82
N GLY B 206 19.15 12.84 -17.04
CA GLY B 206 20.43 12.68 -16.37
C GLY B 206 20.45 11.84 -15.13
N ASN B 207 21.05 12.39 -14.08
CA ASN B 207 21.28 11.68 -12.85
C ASN B 207 20.06 11.85 -11.92
N HIS B 208 19.76 10.82 -11.13
CA HIS B 208 18.79 10.92 -10.05
C HIS B 208 19.49 11.55 -8.84
N SER B 209 19.62 12.85 -8.90
CA SER B 209 20.38 13.64 -7.93
C SER B 209 19.99 15.12 -8.15
N SER B 210 20.65 16.00 -7.42
CA SER B 210 20.47 17.43 -7.57
C SER B 210 20.88 17.97 -8.94
N THR B 211 21.61 17.22 -9.76
CA THR B 211 21.92 17.65 -11.11
C THR B 211 20.92 17.20 -12.15
N GLN B 212 19.86 16.46 -11.74
CA GLN B 212 18.79 16.14 -12.68
C GLN B 212 18.31 17.38 -13.39
N VAL B 213 17.92 17.25 -14.65
CA VAL B 213 17.37 18.35 -15.37
C VAL B 213 15.89 18.10 -15.59
N PRO B 214 15.02 18.72 -14.76
CA PRO B 214 13.57 18.61 -14.98
C PRO B 214 13.18 19.51 -16.14
N ASP B 215 12.46 19.01 -17.12
CA ASP B 215 12.25 19.72 -18.39
C ASP B 215 10.78 19.63 -18.73
N THR B 216 10.15 20.77 -18.95
CA THR B 216 8.74 20.84 -19.31
C THR B 216 8.54 21.29 -20.74
N ASP B 217 9.61 21.41 -21.51
CA ASP B 217 9.50 21.97 -22.88
C ASP B 217 8.66 21.15 -23.86
N SER B 218 8.59 19.83 -23.60
CA SER B 218 7.87 18.91 -24.42
C SER B 218 6.56 18.48 -23.77
N ALA B 219 6.23 19.03 -22.62
CA ALA B 219 5.06 18.57 -21.89
C ALA B 219 3.78 19.03 -22.57
N VAL B 220 2.72 18.27 -22.42
CA VAL B 220 1.43 18.51 -23.07
C VAL B 220 0.36 18.53 -21.98
N ILE B 221 -0.59 19.42 -22.14
CA ILE B 221 -1.80 19.39 -21.34
C ILE B 221 -2.98 19.14 -22.26
N GLY B 222 -3.59 17.97 -22.13
CA GLY B 222 -4.61 17.53 -23.08
C GLY B 222 -3.96 17.18 -24.41
N THR B 223 -4.28 17.96 -25.45
CA THR B 223 -3.62 17.87 -26.77
C THR B 223 -2.71 19.09 -26.99
N THR B 224 -2.64 19.98 -25.99
CA THR B 224 -2.01 21.31 -26.11
C THR B 224 -0.59 21.36 -25.51
N PRO B 225 0.41 21.76 -26.33
CA PRO B 225 1.77 21.97 -25.80
C PRO B 225 1.81 22.81 -24.52
N ASP B 238 10.65 28.93 -10.66
CA ASP B 238 10.91 28.04 -9.52
C ASP B 238 10.77 26.51 -9.81
N PHE B 239 10.32 26.13 -11.01
CA PHE B 239 9.96 24.73 -11.30
C PHE B 239 11.09 23.76 -10.98
N VAL B 240 12.27 24.04 -11.51
CA VAL B 240 13.41 23.16 -11.34
C VAL B 240 13.77 22.99 -9.87
N GLN B 241 13.85 24.10 -9.13
CA GLN B 241 14.24 24.06 -7.72
C GLN B 241 13.21 23.29 -6.91
N VAL B 242 11.93 23.45 -7.23
CA VAL B 242 10.91 22.75 -6.49
C VAL B 242 11.00 21.22 -6.69
N VAL B 243 11.18 20.77 -7.93
CA VAL B 243 11.33 19.35 -8.18
C VAL B 243 12.59 18.84 -7.48
N ARG B 244 13.71 19.56 -7.64
CA ARG B 244 14.94 19.12 -7.04
C ARG B 244 14.86 19.12 -5.52
N GLY B 245 14.09 20.04 -4.94
CA GLY B 245 13.98 20.17 -3.50
C GLY B 245 12.88 19.33 -2.82
N ARG B 246 12.12 18.57 -3.62
CA ARG B 246 10.87 17.97 -3.12
C ARG B 246 11.15 16.93 -2.07
N GLY B 247 12.17 16.09 -2.28
CA GLY B 247 12.49 15.08 -1.32
C GLY B 247 12.80 15.64 0.07
N ALA B 248 13.53 16.75 0.09
CA ALA B 248 13.86 17.42 1.35
C ALA B 248 12.63 18.02 1.99
N GLU B 249 11.71 18.51 1.16
CA GLU B 249 10.42 19.00 1.68
C GLU B 249 9.63 17.90 2.39
N ILE B 250 9.59 16.72 1.77
CA ILE B 250 8.89 15.60 2.42
C ILE B 250 9.54 15.29 3.78
N ILE B 251 10.87 15.26 3.82
CA ILE B 251 11.53 14.98 5.09
C ILE B 251 11.21 16.06 6.15
N GLN B 252 11.11 17.33 5.75
CA GLN B 252 10.75 18.36 6.69
C GLN B 252 9.36 18.13 7.28
N LEU B 253 8.41 17.74 6.41
CA LEU B 253 7.04 17.54 6.85
C LEU B 253 6.85 16.24 7.65
N ARG B 254 7.49 15.18 7.18
CA ARG B 254 7.22 13.85 7.73
CA ARG B 254 7.28 13.77 7.57
C ARG B 254 8.25 13.36 8.70
N GLY B 255 9.46 13.92 8.62
CA GLY B 255 10.59 13.50 9.46
C GLY B 255 11.25 12.25 8.96
N LEU B 256 10.85 11.81 7.76
CA LEU B 256 11.27 10.56 7.14
C LEU B 256 11.25 10.81 5.65
N SER B 257 12.08 10.09 4.92
CA SER B 257 12.12 10.16 3.48
C SER B 257 10.80 9.60 2.89
N SER B 258 10.51 10.02 1.67
CA SER B 258 9.40 9.50 0.89
CA SER B 258 9.39 9.50 0.91
C SER B 258 9.46 7.96 0.88
N ALA B 259 8.32 7.33 1.02
CA ALA B 259 8.20 5.86 0.94
C ALA B 259 7.03 5.50 0.04
N MET B 260 5.83 5.87 0.40
CA MET B 260 4.66 5.65 -0.41
C MET B 260 4.86 6.06 -1.87
N SER B 261 5.30 7.27 -2.06
CA SER B 261 5.43 7.79 -3.42
C SER B 261 6.55 7.10 -4.18
N ALA B 262 7.63 6.75 -3.48
CA ALA B 262 8.69 6.03 -4.15
C ALA B 262 8.31 4.62 -4.58
N ALA B 263 7.53 3.95 -3.73
CA ALA B 263 6.99 2.66 -4.06
C ALA B 263 6.07 2.72 -5.24
N LYS B 264 5.19 3.72 -5.25
CA LYS B 264 4.27 3.88 -6.35
C LYS B 264 5.05 4.11 -7.67
N ALA B 265 6.03 4.98 -7.61
CA ALA B 265 6.89 5.22 -8.79
C ALA B 265 7.63 3.98 -9.27
N ALA B 266 8.06 3.12 -8.36
CA ALA B 266 8.74 1.90 -8.76
C ALA B 266 7.77 0.99 -9.52
N VAL B 267 6.55 0.88 -9.00
CA VAL B 267 5.53 0.13 -9.71
C VAL B 267 5.29 0.73 -11.08
N ASP B 268 5.12 2.05 -11.19
CA ASP B 268 4.91 2.68 -12.48
C ASP B 268 6.08 2.41 -13.44
N HIS B 269 7.31 2.52 -12.96
CA HIS B 269 8.49 2.31 -13.81
C HIS B 269 8.43 0.91 -14.41
N VAL B 270 8.22 -0.12 -13.59
CA VAL B 270 8.22 -1.50 -14.10
C VAL B 270 6.98 -1.79 -14.89
N HIS B 271 5.82 -1.40 -14.39
CA HIS B 271 4.59 -1.60 -15.10
C HIS B 271 4.68 -1.02 -16.50
N ASP B 272 5.10 0.22 -16.64
CA ASP B 272 5.14 0.84 -17.96
C ASP B 272 6.15 0.18 -18.88
N TRP B 273 7.27 -0.27 -18.32
CA TRP B 273 8.29 -0.99 -19.06
C TRP B 273 7.73 -2.27 -19.64
N ILE B 274 7.02 -3.06 -18.84
CA ILE B 274 6.56 -4.38 -19.25
C ILE B 274 5.27 -4.26 -20.06
N HIS B 275 4.28 -3.55 -19.55
CA HIS B 275 3.01 -3.38 -20.22
C HIS B 275 3.09 -2.50 -21.44
N GLY B 276 3.97 -1.53 -21.44
CA GLY B 276 4.09 -0.55 -22.50
C GLY B 276 3.49 0.78 -22.14
N THR B 277 4.01 1.82 -22.72
CA THR B 277 3.49 3.16 -22.58
C THR B 277 2.41 3.41 -23.65
N PRO B 278 1.33 4.10 -23.26
CA PRO B 278 0.28 4.40 -24.25
C PRO B 278 0.77 5.30 -25.32
N GLU B 279 0.08 5.28 -26.48
CA GLU B 279 0.47 6.12 -27.60
C GLU B 279 0.58 7.58 -27.21
N GLY B 280 1.69 8.21 -27.60
CA GLY B 280 1.92 9.63 -27.34
C GLY B 280 2.55 9.96 -26.00
N VAL B 281 2.74 8.94 -25.16
CA VAL B 281 3.30 9.13 -23.79
C VAL B 281 4.76 8.72 -23.71
N TYR B 282 5.58 9.54 -23.09
CA TYR B 282 6.91 9.03 -22.74
C TYR B 282 7.10 9.27 -21.27
N VAL B 283 7.94 8.40 -20.71
CA VAL B 283 8.28 8.42 -19.32
C VAL B 283 9.75 8.43 -19.10
N SER B 284 10.19 8.99 -17.99
CA SER B 284 11.63 9.08 -17.73
C SER B 284 12.13 7.79 -17.16
N MET B 285 13.26 7.32 -17.67
CA MET B 285 13.91 6.10 -17.20
C MET B 285 15.41 6.27 -17.30
N GLY B 286 16.13 5.90 -16.24
CA GLY B 286 17.59 5.81 -16.32
C GLY B 286 17.93 4.54 -17.04
N VAL B 287 18.56 4.68 -18.22
CA VAL B 287 18.87 3.57 -19.08
C VAL B 287 20.30 3.63 -19.55
N TYR B 288 20.81 2.52 -20.06
CA TYR B 288 22.18 2.48 -20.54
C TYR B 288 22.34 3.35 -21.74
N SER B 289 23.43 4.15 -21.79
CA SER B 289 23.47 5.27 -22.68
C SER B 289 24.10 4.94 -24.02
N ASP B 290 24.63 3.75 -24.22
CA ASP B 290 25.18 3.44 -25.58
C ASP B 290 24.11 3.67 -26.66
N GLU B 291 24.50 4.30 -27.77
CA GLU B 291 23.65 4.48 -28.96
C GLU B 291 22.53 5.48 -28.76
N ASN B 292 22.61 6.33 -27.74
CA ASN B 292 21.56 7.32 -27.56
C ASN B 292 21.64 8.38 -28.64
N PRO B 293 20.49 9.00 -28.98
CA PRO B 293 20.48 10.01 -30.04
C PRO B 293 20.81 11.45 -29.59
N TYR B 294 21.37 11.65 -28.40
CA TYR B 294 21.58 12.97 -27.81
C TYR B 294 23.06 13.35 -27.61
N GLY B 295 23.93 12.49 -28.13
CA GLY B 295 25.38 12.63 -27.94
C GLY B 295 25.85 12.53 -26.50
N VAL B 296 25.02 11.97 -25.60
CA VAL B 296 25.49 11.73 -24.24
C VAL B 296 26.57 10.63 -24.29
N PRO B 297 27.63 10.74 -23.49
CA PRO B 297 28.66 9.71 -23.52
C PRO B 297 28.17 8.29 -23.24
N SER B 298 28.77 7.30 -23.85
CA SER B 298 28.46 5.90 -23.63
C SER B 298 28.91 5.41 -22.29
N GLY B 299 28.39 4.23 -21.92
CA GLY B 299 28.89 3.61 -20.71
C GLY B 299 28.34 4.16 -19.40
N LEU B 300 27.19 4.83 -19.46
CA LEU B 300 26.51 5.41 -18.30
C LEU B 300 25.08 4.91 -18.19
N ILE B 301 24.52 4.98 -16.99
CA ILE B 301 23.07 4.88 -16.82
C ILE B 301 22.56 6.32 -16.69
N PHE B 302 21.72 6.73 -17.63
CA PHE B 302 21.35 8.13 -17.83
C PHE B 302 19.84 8.20 -18.04
N SER B 303 19.19 9.15 -17.37
CA SER B 303 17.75 9.28 -17.57
C SER B 303 17.40 10.01 -18.85
N PHE B 304 16.56 9.39 -19.63
CA PHE B 304 16.07 9.86 -20.91
C PHE B 304 14.57 9.73 -20.98
N PRO B 305 13.94 10.48 -21.88
CA PRO B 305 12.53 10.22 -22.23
C PRO B 305 12.44 8.95 -23.03
N CYS B 306 11.58 8.05 -22.59
CA CYS B 306 11.43 6.76 -23.23
C CYS B 306 9.99 6.39 -23.51
N THR B 307 9.78 5.64 -24.57
CA THR B 307 8.56 4.87 -24.76
C THR B 307 8.91 3.42 -24.47
N CYS B 308 7.93 2.62 -24.14
CA CYS B 308 8.16 1.19 -23.87
C CYS B 308 7.14 0.36 -24.59
N HIS B 309 7.56 -0.80 -25.01
CA HIS B 309 6.69 -1.78 -25.68
C HIS B 309 7.20 -3.14 -25.27
N ALA B 310 6.31 -3.91 -24.64
CA ALA B 310 6.56 -5.32 -24.36
C ALA B 310 7.94 -5.55 -23.72
N GLY B 311 8.22 -4.78 -22.67
CA GLY B 311 9.45 -4.99 -21.92
C GLY B 311 10.70 -4.39 -22.48
N GLU B 312 10.59 -3.50 -23.46
CA GLU B 312 11.74 -2.85 -24.05
C GLU B 312 11.54 -1.35 -24.15
N TRP B 313 12.52 -0.59 -23.71
CA TRP B 313 12.48 0.85 -23.83
C TRP B 313 13.11 1.29 -25.13
N THR B 314 12.68 2.45 -25.59
CA THR B 314 13.26 3.18 -26.71
C THR B 314 13.40 4.64 -26.34
N VAL B 315 14.59 5.22 -26.50
CA VAL B 315 14.76 6.65 -26.20
C VAL B 315 14.04 7.47 -27.28
N VAL B 316 13.27 8.45 -26.86
CA VAL B 316 12.61 9.36 -27.77
C VAL B 316 13.60 10.42 -28.19
N SER B 317 13.77 10.60 -29.49
CA SER B 317 14.72 11.57 -30.02
C SER B 317 14.08 12.94 -30.21
N GLY B 318 14.93 13.94 -30.43
CA GLY B 318 14.47 15.27 -30.84
C GLY B 318 13.90 16.16 -29.76
N LYS B 319 14.05 15.78 -28.49
CA LYS B 319 13.46 16.56 -27.43
C LYS B 319 14.41 17.55 -26.77
N LEU B 320 15.59 17.76 -27.37
CA LEU B 320 16.52 18.86 -26.97
C LEU B 320 17.04 19.73 -28.11
N LYS B 326 21.43 20.56 -25.97
CA LYS B 326 22.31 19.50 -25.44
C LYS B 326 23.25 19.98 -24.34
N GLN B 327 23.65 21.26 -24.37
CA GLN B 327 24.55 21.82 -23.32
C GLN B 327 23.86 21.89 -21.93
N ARG B 328 22.54 21.86 -21.93
CA ARG B 328 21.76 21.72 -20.71
C ARG B 328 22.21 20.48 -19.92
N LEU B 329 22.79 19.45 -20.58
CA LEU B 329 23.09 18.17 -19.92
C LEU B 329 24.52 18.06 -19.43
N ALA B 330 25.36 19.07 -19.72
CA ALA B 330 26.78 18.93 -19.46
C ALA B 330 27.10 18.66 -17.98
N SER B 331 26.44 19.38 -17.07
CA SER B 331 26.76 19.21 -15.67
C SER B 331 26.36 17.80 -15.13
N THR B 332 25.18 17.32 -15.53
CA THR B 332 24.74 15.98 -15.09
C THR B 332 25.58 14.86 -15.68
N ILE B 333 26.01 15.04 -16.94
CA ILE B 333 26.96 14.13 -17.58
C ILE B 333 28.23 14.06 -16.75
N ALA B 334 28.77 15.23 -16.38
CA ALA B 334 30.03 15.28 -15.71
C ALA B 334 29.90 14.64 -14.34
N GLU B 335 28.77 14.87 -13.63
CA GLU B 335 28.60 14.23 -12.35
C GLU B 335 28.52 12.69 -12.47
N LEU B 336 27.83 12.19 -13.50
CA LEU B 336 27.74 10.71 -13.67
C LEU B 336 29.11 10.07 -14.00
N GLN B 337 29.93 10.78 -14.78
CA GLN B 337 31.27 10.32 -15.10
C GLN B 337 32.13 10.33 -13.86
N GLU B 338 32.02 11.39 -13.07
CA GLU B 338 32.75 11.43 -11.80
C GLU B 338 32.37 10.30 -10.88
N GLU B 339 31.06 10.04 -10.76
CA GLU B 339 30.63 8.96 -9.91
C GLU B 339 31.07 7.59 -10.39
N ARG B 340 31.03 7.37 -11.71
CA ARG B 340 31.53 6.12 -12.31
C ARG B 340 32.99 5.87 -11.88
N ALA B 341 33.83 6.90 -12.02
CA ALA B 341 35.25 6.77 -11.65
C ALA B 341 35.41 6.55 -10.17
N GLN B 342 34.67 7.30 -9.36
CA GLN B 342 34.79 7.13 -7.90
C GLN B 342 34.28 5.79 -7.37
N ALA B 343 33.37 5.15 -8.12
CA ALA B 343 32.87 3.84 -7.77
C ALA B 343 33.86 2.73 -8.06
N GLY B 344 34.94 3.05 -8.76
CA GLY B 344 35.95 2.07 -9.12
C GLY B 344 35.70 1.48 -10.51
N LEU B 345 34.74 2.03 -11.24
CA LEU B 345 34.38 1.54 -12.56
C LEU B 345 35.05 2.41 -13.60
#